data_7GXO
#
_entry.id   7GXO
#
_cell.length_a   67.740
_cell.length_b   67.740
_cell.length_c   166.620
_cell.angle_alpha   90.000
_cell.angle_beta   90.000
_cell.angle_gamma   120.000
#
_symmetry.space_group_name_H-M   'P 61 2 2'
#
loop_
_entity.id
_entity.type
_entity.pdbx_description
1 polymer 'B-cell lymphoma 6 protein'
2 polymer 'WVIP tetrapeptide'
3 non-polymer 5-{[5-chloro-2-(methylsulfanyl)pyrimidin-4-yl]amino}-1,3-dihydro-2H-indol-2-one
4 non-polymer 'CHLORIDE ION'
5 non-polymer 'DIMETHYL SULFOXIDE'
6 water water
#
loop_
_entity_poly.entity_id
_entity_poly.type
_entity_poly.pdbx_seq_one_letter_code
_entity_poly.pdbx_strand_id
1 'polypeptide(L)'
;GPGADSCIQFTRHASDVLLNLNRLRSRDILTDVVIVVSREQFRAHKTVLMACSGLFYSIFTDQLKCNLSVINLDPEINPE
GFCILLDFMYTSRLNLREGNIMAVMATAMYLQMEHVVDTCRKFIKASE
;
A
2 'polypeptide(L)' (ACE)WVIPA D
#
loop_
_chem_comp.id
_chem_comp.type
_chem_comp.name
_chem_comp.formula
A1ACB non-polymer 5-{[5-chloro-2-(methylsulfanyl)pyrimidin-4-yl]amino}-1,3-dihydro-2H-indol-2-one 'C13 H11 Cl N4 O S'
ACE non-polymer 'ACETYL GROUP' 'C2 H4 O'
CL non-polymer 'CHLORIDE ION' 'Cl -1'
DMS non-polymer 'DIMETHYL SULFOXIDE' 'C2 H6 O S'
#
# COMPACT_ATOMS: atom_id res chain seq x y z
N SER A 6 20.70 -21.55 -11.72
CA SER A 6 21.60 -21.97 -10.65
C SER A 6 21.83 -20.90 -9.54
N CYS A 7 20.89 -19.94 -9.39
CA CYS A 7 20.99 -18.91 -8.36
C CYS A 7 20.76 -19.50 -6.95
N ILE A 8 21.22 -18.81 -5.91
CA ILE A 8 20.87 -19.10 -4.51
C ILE A 8 19.93 -17.97 -4.14
N GLN A 9 19.07 -18.18 -3.14
N GLN A 9 18.97 -18.25 -3.24
CA GLN A 9 18.10 -17.16 -2.77
CA GLN A 9 17.93 -17.31 -2.83
C GLN A 9 18.16 -16.84 -1.28
C GLN A 9 18.07 -16.95 -1.36
N PHE A 10 18.11 -15.55 -0.91
N PHE A 10 17.92 -15.66 -1.05
CA PHE A 10 18.07 -15.15 0.50
CA PHE A 10 17.97 -15.15 0.32
C PHE A 10 16.62 -14.91 0.88
C PHE A 10 16.52 -14.97 0.75
N THR A 11 16.06 -15.86 1.63
CA THR A 11 14.65 -15.90 2.09
C THR A 11 14.13 -14.58 2.67
N ARG A 12 14.90 -13.95 3.56
CA ARG A 12 14.46 -12.72 4.24
C ARG A 12 14.71 -11.43 3.44
N HIS A 13 15.32 -11.51 2.25
CA HIS A 13 15.67 -10.29 1.52
C HIS A 13 14.48 -9.34 1.24
N ALA A 14 13.37 -9.83 0.65
CA ALA A 14 12.21 -8.97 0.31
C ALA A 14 11.63 -8.27 1.56
N SER A 15 11.50 -9.01 2.67
N SER A 15 11.52 -9.01 2.68
N SER A 15 11.51 -9.02 2.67
CA SER A 15 10.99 -8.47 3.93
CA SER A 15 11.01 -8.49 3.95
CA SER A 15 11.00 -8.50 3.94
C SER A 15 11.94 -7.40 4.51
C SER A 15 11.94 -7.40 4.49
C SER A 15 11.93 -7.40 4.49
N ASP A 16 13.26 -7.63 4.40
CA ASP A 16 14.30 -6.68 4.86
C ASP A 16 14.27 -5.42 4.01
N VAL A 17 14.07 -5.57 2.68
CA VAL A 17 13.95 -4.40 1.77
C VAL A 17 12.74 -3.56 2.21
N LEU A 18 11.57 -4.20 2.38
CA LEU A 18 10.35 -3.50 2.76
C LEU A 18 10.45 -2.80 4.12
N LEU A 19 11.10 -3.47 5.09
CA LEU A 19 11.36 -2.89 6.41
C LEU A 19 12.20 -1.60 6.27
N ASN A 20 13.24 -1.62 5.40
CA ASN A 20 14.07 -0.43 5.17
C ASN A 20 13.32 0.67 4.45
N LEU A 21 12.46 0.32 3.49
CA LEU A 21 11.61 1.29 2.79
C LEU A 21 10.67 1.99 3.78
N ASN A 22 10.11 1.22 4.76
CA ASN A 22 9.25 1.79 5.80
C ASN A 22 10.05 2.73 6.73
N ARG A 23 11.32 2.39 7.04
CA ARG A 23 12.22 3.23 7.85
C ARG A 23 12.47 4.54 7.12
N LEU A 24 12.65 4.50 5.78
CA LEU A 24 12.81 5.72 4.99
C LEU A 24 11.52 6.54 5.04
N ARG A 25 10.34 5.88 4.93
CA ARG A 25 9.07 6.58 5.01
C ARG A 25 8.92 7.29 6.37
N SER A 26 9.19 6.58 7.48
CA SER A 26 9.05 7.12 8.84
C SER A 26 9.96 8.33 9.10
N ARG A 27 11.09 8.43 8.37
CA ARG A 27 12.03 9.54 8.53
C ARG A 27 11.88 10.57 7.41
N ASP A 28 10.89 10.35 6.53
CA ASP A 28 10.54 11.19 5.39
C ASP A 28 11.71 11.31 4.38
N ILE A 29 12.49 10.23 4.20
CA ILE A 29 13.65 10.22 3.31
C ILE A 29 13.23 9.78 1.91
N LEU A 30 13.56 10.64 0.92
CA LEU A 30 13.31 10.45 -0.52
C LEU A 30 11.85 10.23 -0.89
N THR A 31 10.91 10.69 -0.04
CA THR A 31 9.48 10.65 -0.37
C THR A 31 9.33 11.67 -1.49
N ASP A 32 8.56 11.33 -2.51
CA ASP A 32 8.44 12.18 -3.70
C ASP A 32 7.02 12.50 -4.07
N VAL A 33 6.07 12.21 -3.18
CA VAL A 33 4.66 12.52 -3.46
C VAL A 33 3.87 12.71 -2.16
N VAL A 34 2.86 13.58 -2.20
CA VAL A 34 1.90 13.79 -1.13
C VAL A 34 0.56 13.30 -1.67
N ILE A 35 -0.10 12.39 -0.95
CA ILE A 35 -1.42 11.90 -1.30
C ILE A 35 -2.38 12.65 -0.37
N VAL A 36 -3.30 13.44 -0.95
CA VAL A 36 -4.28 14.22 -0.20
C VAL A 36 -5.61 13.47 -0.15
N VAL A 37 -6.12 13.24 1.06
CA VAL A 37 -7.36 12.49 1.32
C VAL A 37 -8.20 13.32 2.31
N SER A 38 -9.29 13.94 1.82
CA SER A 38 -10.19 14.80 2.61
C SER A 38 -9.39 15.76 3.53
N ARG A 39 -8.44 16.54 2.95
CA ARG A 39 -7.56 17.49 3.63
C ARG A 39 -6.39 16.84 4.42
N GLU A 40 -6.44 15.51 4.73
CA GLU A 40 -5.32 14.82 5.39
C GLU A 40 -4.26 14.54 4.33
N GLN A 41 -2.96 14.69 4.70
CA GLN A 41 -1.84 14.52 3.79
C GLN A 41 -0.96 13.34 4.17
N PHE A 42 -0.58 12.52 3.17
CA PHE A 42 0.28 11.35 3.42
C PHE A 42 1.45 11.37 2.45
N ARG A 43 2.67 11.42 2.98
CA ARG A 43 3.88 11.41 2.17
C ARG A 43 4.28 9.96 1.91
N ALA A 44 4.76 9.67 0.70
CA ALA A 44 5.16 8.30 0.35
C ALA A 44 6.10 8.29 -0.83
N HIS A 45 6.54 7.08 -1.21
CA HIS A 45 7.39 6.85 -2.37
C HIS A 45 6.47 6.36 -3.47
N LYS A 46 6.50 7.04 -4.63
CA LYS A 46 5.72 6.69 -5.82
C LYS A 46 5.93 5.21 -6.20
N THR A 47 7.18 4.72 -6.18
CA THR A 47 7.48 3.32 -6.56
C THR A 47 6.78 2.31 -5.68
N VAL A 48 6.74 2.55 -4.36
CA VAL A 48 6.06 1.64 -3.41
C VAL A 48 4.56 1.66 -3.64
N LEU A 49 3.99 2.86 -3.85
CA LEU A 49 2.55 3.02 -4.14
C LEU A 49 2.18 2.22 -5.40
N MET A 50 2.99 2.35 -6.46
CA MET A 50 2.77 1.63 -7.73
C MET A 50 2.89 0.12 -7.55
N ALA A 51 3.86 -0.32 -6.75
CA ALA A 51 4.10 -1.75 -6.50
C ALA A 51 2.95 -2.44 -5.74
N CYS A 52 2.15 -1.64 -5.00
CA CYS A 52 1.07 -2.15 -4.16
C CYS A 52 -0.33 -1.92 -4.69
N SER A 53 -0.49 -0.93 -5.57
CA SER A 53 -1.81 -0.48 -6.00
C SER A 53 -1.95 -0.35 -7.50
N GLY A 54 -3.01 -0.95 -8.05
CA GLY A 54 -3.32 -0.86 -9.47
C GLY A 54 -3.67 0.57 -9.86
N LEU A 55 -4.31 1.31 -8.94
CA LEU A 55 -4.65 2.72 -9.18
C LEU A 55 -3.37 3.58 -9.29
N PHE A 56 -2.45 3.48 -8.32
CA PHE A 56 -1.20 4.26 -8.36
C PHE A 56 -0.30 3.85 -9.50
N TYR A 57 -0.33 2.56 -9.86
CA TYR A 57 0.43 2.05 -11.00
C TYR A 57 -0.01 2.78 -12.29
N SER A 58 -1.33 2.89 -12.50
N SER A 58 -1.33 2.89 -12.50
CA SER A 58 -1.94 3.58 -13.65
CA SER A 58 -1.94 3.58 -13.65
C SER A 58 -1.60 5.07 -13.63
C SER A 58 -1.61 5.07 -13.63
N ILE A 59 -1.71 5.72 -12.45
CA ILE A 59 -1.44 7.16 -12.27
C ILE A 59 0.02 7.50 -12.59
N PHE A 60 0.98 6.80 -11.96
CA PHE A 60 2.37 7.20 -12.14
C PHE A 60 3.02 6.63 -13.43
N THR A 61 2.29 5.86 -14.26
CA THR A 61 2.82 5.47 -15.58
C THR A 61 2.23 6.41 -16.64
N ASP A 62 1.36 7.33 -16.20
CA ASP A 62 0.79 8.33 -17.11
C ASP A 62 1.85 9.40 -17.30
N GLN A 63 2.17 9.73 -18.56
CA GLN A 63 3.19 10.70 -18.96
C GLN A 63 3.04 12.10 -18.31
N LEU A 64 1.81 12.53 -17.97
CA LEU A 64 1.60 13.81 -17.30
C LEU A 64 1.59 13.67 -15.79
N LYS A 65 0.86 12.67 -15.26
CA LYS A 65 0.71 12.50 -13.81
C LYS A 65 1.97 12.03 -13.12
N CYS A 66 2.88 11.31 -13.83
CA CYS A 66 4.15 10.79 -13.27
C CYS A 66 5.00 11.91 -12.65
N ASN A 67 4.77 13.16 -13.11
CA ASN A 67 5.51 14.37 -12.71
C ASN A 67 4.84 15.19 -11.61
N LEU A 68 3.67 14.75 -11.14
CA LEU A 68 2.96 15.48 -10.10
C LEU A 68 3.53 15.14 -8.72
N SER A 69 3.65 16.17 -7.87
CA SER A 69 4.14 16.04 -6.49
CA SER A 69 4.15 16.02 -6.50
C SER A 69 2.98 15.86 -5.53
N VAL A 70 1.75 16.19 -5.98
CA VAL A 70 0.51 16.10 -5.20
C VAL A 70 -0.57 15.33 -6.01
N ILE A 71 -1.19 14.33 -5.36
CA ILE A 71 -2.30 13.54 -5.91
C ILE A 71 -3.48 13.66 -4.94
N ASN A 72 -4.63 14.13 -5.44
CA ASN A 72 -5.84 14.25 -4.63
C ASN A 72 -6.75 13.07 -4.91
N LEU A 73 -7.10 12.32 -3.88
CA LEU A 73 -8.00 11.17 -4.04
C LEU A 73 -9.45 11.63 -4.04
N ASP A 74 -10.36 10.76 -4.50
CA ASP A 74 -11.81 10.98 -4.54
C ASP A 74 -12.32 11.40 -3.14
N PRO A 75 -13.18 12.45 -3.01
CA PRO A 75 -13.65 12.88 -1.68
C PRO A 75 -14.38 11.83 -0.84
N GLU A 76 -14.88 10.73 -1.44
CA GLU A 76 -15.55 9.64 -0.71
C GLU A 76 -14.55 8.81 0.08
N ILE A 77 -13.25 8.89 -0.26
CA ILE A 77 -12.21 8.10 0.41
C ILE A 77 -11.97 8.61 1.82
N ASN A 78 -12.07 7.68 2.77
CA ASN A 78 -11.89 7.91 4.19
C ASN A 78 -10.39 7.98 4.52
N PRO A 79 -9.89 9.06 5.18
CA PRO A 79 -8.46 9.14 5.51
C PRO A 79 -7.93 8.00 6.39
N GLU A 80 -8.72 7.52 7.36
CA GLU A 80 -8.30 6.41 8.21
C GLU A 80 -8.11 5.12 7.40
N GLY A 81 -9.07 4.83 6.50
CA GLY A 81 -9.00 3.68 5.60
C GLY A 81 -7.74 3.74 4.75
N PHE A 82 -7.41 4.96 4.26
CA PHE A 82 -6.19 5.16 3.46
C PHE A 82 -4.94 4.91 4.29
N CYS A 83 -4.90 5.47 5.50
CA CYS A 83 -3.77 5.33 6.43
C CYS A 83 -3.47 3.86 6.75
N ILE A 84 -4.52 3.05 6.99
CA ILE A 84 -4.41 1.61 7.27
C ILE A 84 -3.82 0.89 6.05
N LEU A 85 -4.28 1.27 4.85
CA LEU A 85 -3.75 0.66 3.62
C LEU A 85 -2.35 1.07 3.29
N LEU A 86 -1.98 2.33 3.58
CA LEU A 86 -0.61 2.83 3.36
C LEU A 86 0.34 2.09 4.32
N ASP A 87 -0.08 1.87 5.58
CA ASP A 87 0.70 1.08 6.54
C ASP A 87 0.88 -0.35 6.04
N PHE A 88 -0.19 -0.96 5.46
CA PHE A 88 -0.11 -2.32 4.90
C PHE A 88 0.92 -2.38 3.74
N MET A 89 0.89 -1.37 2.86
CA MET A 89 1.82 -1.32 1.73
C MET A 89 3.27 -1.43 2.16
N TYR A 90 3.63 -0.73 3.24
CA TYR A 90 5.01 -0.68 3.74
C TYR A 90 5.37 -1.74 4.77
N THR A 91 4.39 -2.54 5.26
CA THR A 91 4.70 -3.52 6.31
C THR A 91 4.16 -4.94 6.09
N SER A 92 3.19 -5.14 5.17
N SER A 92 3.15 -5.12 5.21
CA SER A 92 2.49 -6.43 4.93
CA SER A 92 2.42 -6.37 4.93
C SER A 92 1.44 -6.71 6.04
C SER A 92 1.41 -6.73 6.05
N ARG A 93 1.28 -5.80 7.02
N ARG A 93 1.27 -5.85 7.06
CA ARG A 93 0.35 -5.94 8.12
CA ARG A 93 0.34 -6.02 8.18
C ARG A 93 -0.88 -5.05 7.93
C ARG A 93 -0.85 -5.08 8.04
N LEU A 94 -2.06 -5.66 8.02
CA LEU A 94 -3.31 -4.95 7.86
C LEU A 94 -4.06 -4.88 9.18
N ASN A 95 -4.31 -3.66 9.68
CA ASN A 95 -5.04 -3.44 10.94
C ASN A 95 -6.56 -3.45 10.66
N LEU A 96 -7.10 -4.64 10.45
CA LEU A 96 -8.51 -4.82 10.09
C LEU A 96 -9.31 -5.03 11.35
N ARG A 97 -10.31 -4.15 11.58
CA ARG A 97 -11.18 -4.18 12.76
C ARG A 97 -12.64 -4.02 12.34
N GLU A 98 -13.58 -4.51 13.16
CA GLU A 98 -15.03 -4.40 12.90
C GLU A 98 -15.44 -2.97 12.52
N GLY A 99 -14.88 -1.99 13.23
CA GLY A 99 -15.17 -0.57 13.02
C GLY A 99 -14.56 0.06 11.80
N ASN A 100 -13.60 -0.60 11.14
CA ASN A 100 -12.95 0.01 9.98
C ASN A 100 -13.05 -0.82 8.70
N ILE A 101 -13.56 -2.07 8.79
CA ILE A 101 -13.57 -3.03 7.67
C ILE A 101 -14.30 -2.49 6.42
N MET A 102 -15.43 -1.80 6.59
CA MET A 102 -16.17 -1.25 5.44
C MET A 102 -15.38 -0.15 4.73
N ALA A 103 -14.72 0.76 5.49
CA ALA A 103 -13.90 1.85 4.94
C ALA A 103 -12.63 1.29 4.31
N VAL A 104 -12.02 0.25 4.92
CA VAL A 104 -10.82 -0.41 4.39
C VAL A 104 -11.14 -1.10 3.05
N MET A 105 -12.23 -1.89 3.00
CA MET A 105 -12.60 -2.58 1.76
C MET A 105 -12.91 -1.60 0.63
N ALA A 106 -13.68 -0.54 0.91
CA ALA A 106 -14.01 0.47 -0.10
C ALA A 106 -12.75 1.17 -0.63
N THR A 107 -11.80 1.52 0.27
CA THR A 107 -10.56 2.18 -0.13
C THR A 107 -9.68 1.21 -0.96
N ALA A 108 -9.62 -0.08 -0.56
CA ALA A 108 -8.83 -1.10 -1.28
C ALA A 108 -9.41 -1.37 -2.66
N MET A 109 -10.76 -1.30 -2.81
CA MET A 109 -11.41 -1.48 -4.12
C MET A 109 -11.03 -0.31 -5.06
N TYR A 110 -11.03 0.91 -4.52
CA TYR A 110 -10.66 2.13 -5.23
C TYR A 110 -9.16 2.11 -5.59
N LEU A 111 -8.32 1.68 -4.65
CA LEU A 111 -6.87 1.61 -4.88
C LEU A 111 -6.47 0.41 -5.74
N GLN A 112 -7.40 -0.53 -5.99
CA GLN A 112 -7.16 -1.75 -6.76
C GLN A 112 -6.07 -2.60 -6.09
N MET A 113 -6.32 -3.00 -4.83
CA MET A 113 -5.43 -3.85 -4.02
C MET A 113 -6.22 -5.11 -3.78
N GLU A 114 -6.20 -5.99 -4.79
CA GLU A 114 -6.98 -7.23 -4.90
C GLU A 114 -6.91 -8.18 -3.70
N HIS A 115 -5.71 -8.43 -3.13
CA HIS A 115 -5.58 -9.33 -1.97
C HIS A 115 -6.25 -8.77 -0.72
N VAL A 116 -6.21 -7.45 -0.52
CA VAL A 116 -6.90 -6.80 0.61
C VAL A 116 -8.44 -6.92 0.44
N VAL A 117 -8.94 -6.64 -0.77
CA VAL A 117 -10.38 -6.73 -1.09
C VAL A 117 -10.90 -8.15 -0.78
N ASP A 118 -10.21 -9.19 -1.30
N ASP A 118 -10.13 -9.18 -1.17
CA ASP A 118 -10.55 -10.62 -1.14
CA ASP A 118 -10.42 -10.60 -0.94
C ASP A 118 -10.77 -11.03 0.32
C ASP A 118 -10.56 -10.94 0.56
N THR A 119 -9.86 -10.60 1.21
N THR A 119 -9.59 -10.52 1.40
CA THR A 119 -9.86 -10.90 2.64
CA THR A 119 -9.66 -10.82 2.84
C THR A 119 -10.97 -10.15 3.37
C THR A 119 -10.80 -10.06 3.54
N CYS A 120 -11.16 -8.85 3.04
CA CYS A 120 -12.23 -8.03 3.60
C CYS A 120 -13.56 -8.72 3.32
N ARG A 121 -13.74 -9.18 2.05
CA ARG A 121 -14.93 -9.92 1.61
C ARG A 121 -15.14 -11.18 2.46
N LYS A 122 -14.05 -11.93 2.74
CA LYS A 122 -14.08 -13.15 3.55
C LYS A 122 -14.45 -12.86 5.01
N PHE A 123 -13.84 -11.81 5.61
CA PHE A 123 -14.11 -11.41 7.00
C PHE A 123 -15.55 -10.91 7.17
N ILE A 124 -16.10 -10.18 6.17
CA ILE A 124 -17.48 -9.68 6.17
C ILE A 124 -18.47 -10.85 6.06
N LYS A 125 -18.18 -11.82 5.14
CA LYS A 125 -18.99 -13.01 4.91
C LYS A 125 -19.10 -13.86 6.20
N ALA A 126 -18.01 -13.95 7.00
CA ALA A 126 -17.98 -14.69 8.26
C ALA A 126 -18.89 -14.09 9.35
N SER A 127 -19.10 -12.76 9.33
CA SER A 127 -19.91 -12.02 10.32
C SER A 127 -21.42 -12.07 10.07
N GLU A 128 -21.86 -12.29 8.80
CA GLU A 128 -23.28 -12.36 8.45
C GLU A 128 -23.94 -13.66 8.92
C ACE B 1 19.12 -17.90 3.83
O ACE B 1 18.17 -17.41 3.21
CH3 ACE B 1 19.22 -17.74 5.35
N TRP B 2 20.07 -18.62 3.26
N TRP B 2 20.11 -18.59 3.25
CA TRP B 2 20.13 -18.88 1.82
CA TRP B 2 20.14 -18.88 1.82
C TRP B 2 19.60 -20.28 1.49
C TRP B 2 19.51 -20.25 1.55
N VAL B 3 18.86 -20.40 0.38
CA VAL B 3 18.23 -21.65 -0.06
C VAL B 3 18.42 -21.86 -1.56
N ILE B 4 18.09 -23.07 -2.04
CA ILE B 4 18.04 -23.41 -3.46
C ILE B 4 16.58 -23.08 -3.83
N PRO B 5 16.31 -22.01 -4.62
CA PRO B 5 14.90 -21.65 -4.91
C PRO B 5 14.17 -22.68 -5.77
N ALA B 6 12.83 -22.69 -5.71
C2 A1ACB C . 4.76 -2.94 -12.15
N1 A1ACB C . 1.78 -2.70 -9.98
C1 A1ACB C . 2.99 -4.18 -12.95
C3 A1ACB C . 3.95 -2.49 -11.11
C4 A1ACB C . 2.59 -2.95 -11.02
C5 A1ACB C . 0.43 -3.08 -9.80
N2 A1ACB C . -3.22 -4.83 -8.72
C6 A1ACB C . -0.54 -3.28 -10.81
N3 A1ACB C . 2.15 -3.83 -11.97
C7 A1ACB C . -1.81 -3.83 -10.55
C8 A1ACB C . -2.07 -4.23 -9.24
C9 A1ACB C . -3.05 -5.12 -7.35
O A1ACB C . -3.89 -5.70 -6.69
C10 A1ACB C . -1.65 -4.63 -6.92
C11 A1ACB C . -1.09 -4.09 -8.20
C12 A1ACB C . 0.15 -3.54 -8.46
CL A1ACB C . 4.59 -1.39 -10.04
N A1ACB C . 4.29 -3.79 -13.09
S A1ACB C . 2.39 -5.25 -14.21
C A1ACB C . 0.67 -5.61 -13.84
CL CL D . -3.16 -6.21 -1.97
CL CL E . 2.13 19.00 -8.39
S DMS F . 22.78 -23.73 -0.19
O DMS F . 21.52 -24.38 0.09
C1 DMS F . 22.31 -22.02 -0.33
C2 DMS F . 23.59 -23.66 1.37
#